data_1DT6
#
_entry.id   1DT6
#
_cell.length_a   74.700
_cell.length_b   132.000
_cell.length_c   172.400
_cell.angle_alpha   90.00
_cell.angle_beta   90.00
_cell.angle_gamma   90.00
#
_symmetry.space_group_name_H-M   'I 2 2 2'
#
loop_
_entity.id
_entity.type
_entity.pdbx_description
1 polymer 'CYTOCHROME P450 2C5'
2 non-polymer 'SAMARIUM (III) ION'
3 non-polymer 'SULFATE ION'
4 non-polymer 'PROTOPORPHYRIN IX CONTAINING FE'
#
_entity_poly.entity_id   1
_entity_poly.type   'polypeptide(L)'
_entity_poly.pdbx_seq_one_letter_code
;MAKKTSSKGKLPPGPTPFPIIGNILQIDAKDISKSLTKFSECYGPVFTVYLGMKPTVVLHGYEAVKEALVDLGEEFAGRG
SVPILEKVSKGLGIAFSNAKTWKEMRRFSLMTLRNFGMGKRSIEDRIQEEARCLVEELRKTNASPCDPTFILGCAPCNVI
CSVIFHNRFDYKDEEFLKLMESLHENVELLGTPWLQVYNNFPALLDYFPGIHKTLLKNADYIKNFIMEKVKEHQKLLDVN
NPRDFIDCFLIKMEQENNLEFTLESLVIAVSDLFGAGTETTSTTLRYSLLLLLKHPEVAARVQEEIERVIGRHRSPCMQD
RSRMPYTDAVIHEIQRFIDLLPTNLPHAVTRDVRFRNYFIPKGTDIITSLTSVLHDEKAFPNPKVFDPGHFLDESGNFKK
SDYFMPFSAGKRMCVGEGLARMELFLFLTSILQNFKLQSLVEPKDLDITAVVNGFVSVPPSYQLCFIPIHHHH
;
_entity_poly.pdbx_strand_id   A
#
loop_
_chem_comp.id
_chem_comp.type
_chem_comp.name
_chem_comp.formula
HEM non-polymer 'PROTOPORPHYRIN IX CONTAINING FE' 'C34 H32 Fe N4 O4'
SM non-polymer 'SAMARIUM (III) ION' 'Sm 3'
SO4 non-polymer 'SULFATE ION' 'O4 S -2'
#
# COMPACT_ATOMS: atom_id res chain seq x y z
N PRO A 12 4.25 -5.76 -34.06
CA PRO A 12 5.40 -6.28 -33.28
C PRO A 12 5.51 -5.61 -31.90
N PRO A 13 5.69 -6.43 -30.85
CA PRO A 13 5.81 -5.89 -29.48
C PRO A 13 7.16 -5.24 -29.25
N GLY A 14 7.32 -4.61 -28.09
CA GLY A 14 8.59 -3.97 -27.80
C GLY A 14 9.71 -5.00 -27.83
N PRO A 15 10.94 -4.57 -28.16
CA PRO A 15 12.12 -5.45 -28.22
C PRO A 15 12.27 -6.33 -26.98
N THR A 16 13.31 -7.16 -26.92
CA THR A 16 13.46 -8.08 -25.77
C THR A 16 14.76 -8.85 -25.57
N PRO A 17 15.02 -9.27 -24.31
CA PRO A 17 16.21 -10.03 -23.95
C PRO A 17 16.03 -11.51 -24.35
N PHE A 18 15.90 -11.73 -25.65
CA PHE A 18 15.74 -13.05 -26.26
C PHE A 18 15.47 -14.19 -25.30
N PRO A 19 14.24 -14.72 -25.28
CA PRO A 19 13.81 -15.82 -24.41
C PRO A 19 14.67 -17.08 -24.57
N ILE A 20 14.16 -18.21 -24.11
CA ILE A 20 14.95 -19.43 -24.21
C ILE A 20 14.18 -20.69 -24.59
N ILE A 21 12.91 -20.76 -24.16
CA ILE A 21 11.96 -21.86 -24.39
C ILE A 21 11.42 -22.33 -23.05
N GLY A 22 10.33 -21.71 -22.62
CA GLY A 22 9.76 -22.05 -21.34
C GLY A 22 10.26 -21.04 -20.33
N ASN A 23 10.95 -19.99 -20.80
CA ASN A 23 11.46 -18.95 -19.91
C ASN A 23 12.45 -17.89 -20.44
N ILE A 24 12.48 -16.77 -19.71
CA ILE A 24 13.38 -15.64 -19.96
C ILE A 24 13.87 -15.24 -18.56
N LEU A 25 13.48 -16.03 -17.55
CA LEU A 25 13.90 -15.84 -16.17
C LEU A 25 15.41 -15.91 -16.20
N GLN A 26 15.93 -16.13 -17.40
CA GLN A 26 17.35 -16.24 -17.64
C GLN A 26 18.10 -15.20 -16.81
N ILE A 27 17.72 -13.93 -16.93
CA ILE A 27 18.41 -12.87 -16.20
C ILE A 27 17.56 -11.89 -15.39
N ASP A 28 17.19 -12.30 -14.19
CA ASP A 28 16.42 -11.47 -13.27
C ASP A 28 16.88 -12.00 -11.92
N ALA A 29 17.09 -11.12 -10.94
CA ALA A 29 17.55 -11.56 -9.64
C ALA A 29 16.43 -11.72 -8.61
N LYS A 30 16.76 -11.32 -7.39
CA LYS A 30 15.84 -11.34 -6.26
C LYS A 30 15.54 -9.86 -6.08
N ASP A 31 15.77 -9.14 -7.17
CA ASP A 31 15.53 -7.71 -7.25
C ASP A 31 15.24 -7.43 -8.72
N ILE A 32 14.18 -8.07 -9.21
CA ILE A 32 13.71 -7.95 -10.58
C ILE A 32 13.78 -6.53 -11.11
N SER A 33 13.33 -5.58 -10.31
CA SER A 33 13.38 -4.18 -10.72
C SER A 33 14.80 -3.71 -11.04
N LYS A 34 15.79 -4.36 -10.43
CA LYS A 34 17.20 -4.03 -10.61
C LYS A 34 17.67 -4.44 -12.00
N SER A 35 17.09 -5.52 -12.51
CA SER A 35 17.46 -6.01 -13.83
C SER A 35 16.48 -5.55 -14.90
N LEU A 36 15.27 -5.14 -14.51
CA LEU A 36 14.34 -4.63 -15.50
C LEU A 36 14.95 -3.32 -15.97
N THR A 37 15.80 -2.74 -15.12
CA THR A 37 16.48 -1.49 -15.43
C THR A 37 17.76 -1.77 -16.21
N LYS A 38 18.35 -2.95 -16.00
CA LYS A 38 19.53 -3.30 -16.75
C LYS A 38 18.99 -3.36 -18.18
N PHE A 39 17.86 -4.06 -18.35
CA PHE A 39 17.21 -4.21 -19.64
C PHE A 39 16.86 -2.90 -20.29
N SER A 40 16.25 -2.01 -19.53
CA SER A 40 15.86 -0.70 -20.06
C SER A 40 17.08 0.00 -20.65
N GLU A 41 18.25 -0.25 -20.06
CA GLU A 41 19.48 0.36 -20.52
C GLU A 41 19.87 -0.03 -21.93
N CYS A 42 19.02 -0.83 -22.57
CA CYS A 42 19.25 -1.23 -23.95
C CYS A 42 17.96 -1.02 -24.72
N TYR A 43 17.10 -2.03 -24.68
CA TYR A 43 15.82 -2.00 -25.36
C TYR A 43 15.10 -0.65 -25.25
N GLY A 44 15.36 0.06 -24.16
CA GLY A 44 14.74 1.36 -23.96
C GLY A 44 13.56 1.39 -23.00
N PRO A 45 12.83 2.51 -22.97
CA PRO A 45 11.67 2.70 -22.10
C PRO A 45 10.59 1.65 -22.25
N VAL A 46 10.49 1.05 -23.44
CA VAL A 46 9.52 0.00 -23.66
C VAL A 46 10.17 -1.21 -24.31
N PHE A 47 10.17 -2.31 -23.58
CA PHE A 47 10.72 -3.55 -24.07
C PHE A 47 9.80 -4.61 -23.52
N THR A 48 9.96 -5.85 -23.96
CA THR A 48 9.11 -6.90 -23.44
C THR A 48 10.01 -8.05 -23.04
N VAL A 49 9.55 -8.85 -22.09
CA VAL A 49 10.32 -9.98 -21.62
C VAL A 49 9.37 -11.16 -21.56
N TYR A 50 9.89 -12.34 -21.29
CA TYR A 50 9.04 -13.52 -21.22
C TYR A 50 9.06 -14.23 -19.88
N LEU A 51 8.11 -13.85 -19.02
CA LEU A 51 8.02 -14.47 -17.71
C LEU A 51 7.41 -15.84 -17.87
N GLY A 52 8.01 -16.63 -18.75
CA GLY A 52 7.53 -17.98 -19.01
C GLY A 52 7.34 -18.17 -20.51
N MET A 53 6.09 -18.31 -20.93
CA MET A 53 5.76 -18.49 -22.34
C MET A 53 4.94 -17.32 -22.88
N LYS A 54 4.47 -16.46 -21.97
CA LYS A 54 3.66 -15.32 -22.37
C LYS A 54 4.47 -14.02 -22.36
N PRO A 55 4.16 -13.13 -23.30
CA PRO A 55 4.91 -11.88 -23.34
C PRO A 55 4.36 -10.89 -22.32
N THR A 56 5.24 -10.07 -21.80
CA THR A 56 4.88 -9.04 -20.83
C THR A 56 5.83 -7.88 -21.10
N VAL A 57 5.27 -6.83 -21.67
CA VAL A 57 6.03 -5.64 -22.00
C VAL A 57 6.21 -4.80 -20.75
N VAL A 58 7.39 -4.22 -20.60
CA VAL A 58 7.72 -3.38 -19.44
C VAL A 58 7.79 -1.89 -19.81
N LEU A 59 7.17 -1.06 -18.98
CA LEU A 59 7.18 0.39 -19.20
C LEU A 59 8.15 0.96 -18.17
N HIS A 60 9.21 1.59 -18.64
CA HIS A 60 10.26 2.10 -17.76
C HIS A 60 10.49 3.61 -17.60
N GLY A 61 10.63 4.35 -18.69
CA GLY A 61 10.83 5.77 -18.47
C GLY A 61 9.68 6.37 -17.66
N TYR A 62 9.81 7.62 -17.22
CA TYR A 62 8.69 8.21 -16.50
C TYR A 62 7.63 8.49 -17.56
N GLU A 63 8.10 9.01 -18.68
CA GLU A 63 7.23 9.34 -19.79
C GLU A 63 6.48 8.10 -20.26
N ALA A 64 7.19 6.99 -20.40
CA ALA A 64 6.56 5.75 -20.86
C ALA A 64 5.45 5.35 -19.91
N VAL A 65 5.70 5.51 -18.61
CA VAL A 65 4.72 5.13 -17.59
C VAL A 65 3.50 6.04 -17.52
N LYS A 66 3.71 7.35 -17.41
CA LYS A 66 2.56 8.26 -17.34
C LYS A 66 1.73 8.06 -18.61
N GLU A 67 2.39 8.18 -19.75
CA GLU A 67 1.75 8.02 -21.07
C GLU A 67 0.87 6.79 -21.15
N ALA A 68 1.37 5.66 -20.63
CA ALA A 68 0.59 4.43 -20.64
C ALA A 68 -0.52 4.56 -19.61
N LEU A 69 -0.13 4.48 -18.34
CA LEU A 69 -1.02 4.55 -17.17
C LEU A 69 -2.01 5.71 -17.11
N VAL A 70 -1.58 6.91 -17.49
CA VAL A 70 -2.48 8.07 -17.46
C VAL A 70 -3.19 8.34 -18.80
N ASP A 71 -2.41 8.57 -19.85
CA ASP A 71 -2.93 8.86 -21.19
C ASP A 71 -3.81 7.79 -21.85
N LEU A 72 -3.34 6.54 -21.84
CA LEU A 72 -4.10 5.45 -22.43
C LEU A 72 -4.72 4.67 -21.27
N GLY A 73 -5.42 5.43 -20.41
CA GLY A 73 -6.07 4.90 -19.23
C GLY A 73 -6.86 3.62 -19.26
N GLU A 74 -7.88 3.54 -20.12
CA GLU A 74 -8.67 2.33 -20.18
C GLU A 74 -7.96 1.25 -20.97
N GLU A 75 -7.03 1.67 -21.82
CA GLU A 75 -6.26 0.71 -22.60
C GLU A 75 -5.40 -0.15 -21.68
N PHE A 76 -4.61 0.49 -20.82
CA PHE A 76 -3.71 -0.19 -19.88
C PHE A 76 -4.27 -0.44 -18.47
N ALA A 77 -5.55 -0.81 -18.34
CA ALA A 77 -6.10 -1.04 -17.01
C ALA A 77 -6.47 -2.50 -16.64
N GLY A 78 -5.49 -3.41 -16.70
CA GLY A 78 -5.74 -4.80 -16.36
C GLY A 78 -4.86 -5.37 -15.24
N ARG A 79 -4.73 -6.70 -15.16
CA ARG A 79 -3.92 -7.36 -14.12
C ARG A 79 -3.38 -8.74 -14.56
N GLY A 80 -4.28 -9.71 -14.72
CA GLY A 80 -3.93 -11.06 -15.16
C GLY A 80 -3.30 -12.05 -14.17
N SER A 81 -4.13 -12.83 -13.48
CA SER A 81 -3.65 -13.83 -12.52
C SER A 81 -4.75 -14.85 -12.11
N VAL A 82 -4.35 -15.95 -11.49
CA VAL A 82 -5.33 -16.97 -11.12
C VAL A 82 -5.50 -17.50 -9.69
N PRO A 83 -4.42 -18.03 -9.06
CA PRO A 83 -4.51 -18.58 -7.69
C PRO A 83 -5.59 -17.98 -6.81
N ILE A 84 -5.33 -16.76 -6.31
CA ILE A 84 -6.26 -16.02 -5.44
C ILE A 84 -7.74 -16.33 -5.61
N LEU A 85 -8.12 -16.78 -6.81
CA LEU A 85 -9.50 -17.14 -7.12
C LEU A 85 -9.57 -18.67 -7.07
N GLU A 86 -9.42 -19.24 -5.86
CA GLU A 86 -9.39 -20.70 -5.68
C GLU A 86 -10.48 -21.38 -4.84
N LYS A 87 -10.78 -20.84 -3.66
CA LYS A 87 -11.83 -21.40 -2.81
C LYS A 87 -13.09 -20.54 -2.97
N VAL A 88 -14.08 -21.06 -3.69
CA VAL A 88 -15.35 -20.35 -3.98
C VAL A 88 -15.09 -18.85 -4.10
N SER A 89 -13.91 -18.51 -4.61
CA SER A 89 -13.48 -17.12 -4.77
C SER A 89 -13.67 -16.61 -6.19
N LYS A 90 -14.90 -16.17 -6.49
CA LYS A 90 -15.20 -15.64 -7.82
C LYS A 90 -14.31 -14.42 -8.11
N GLY A 91 -14.05 -14.20 -9.39
CA GLY A 91 -13.22 -13.08 -9.79
C GLY A 91 -13.90 -11.73 -9.59
N LEU A 92 -14.35 -11.49 -8.37
CA LEU A 92 -15.02 -10.23 -8.04
C LEU A 92 -14.13 -9.52 -7.03
N GLY A 93 -14.50 -8.32 -6.61
CA GLY A 93 -13.68 -7.59 -5.66
C GLY A 93 -13.03 -6.37 -6.29
N ILE A 94 -12.02 -5.82 -5.62
CA ILE A 94 -11.34 -4.62 -6.14
C ILE A 94 -10.01 -4.86 -6.86
N ALA A 95 -9.04 -5.47 -6.19
CA ALA A 95 -7.75 -5.74 -6.83
C ALA A 95 -7.86 -7.08 -7.56
N PHE A 96 -7.36 -7.11 -8.81
CA PHE A 96 -7.42 -8.33 -9.60
C PHE A 96 -8.84 -8.62 -10.11
N SER A 97 -9.01 -8.71 -11.42
CA SER A 97 -10.28 -9.04 -12.08
C SER A 97 -10.89 -8.13 -13.15
N ASN A 98 -11.97 -8.64 -13.73
CA ASN A 98 -12.73 -8.02 -14.82
C ASN A 98 -13.59 -6.81 -14.49
N ALA A 99 -13.49 -5.79 -15.34
CA ALA A 99 -14.24 -4.54 -15.20
C ALA A 99 -15.69 -4.82 -14.78
N LYS A 100 -16.25 -5.92 -15.29
CA LYS A 100 -17.62 -6.27 -14.96
C LYS A 100 -17.89 -6.04 -13.48
N THR A 101 -16.95 -6.48 -12.63
CA THR A 101 -17.07 -6.29 -11.19
C THR A 101 -16.08 -5.23 -10.73
N TRP A 102 -15.03 -4.99 -11.51
CA TRP A 102 -14.03 -3.98 -11.15
C TRP A 102 -14.69 -2.61 -11.12
N LYS A 103 -14.75 -1.95 -12.27
CA LYS A 103 -15.33 -0.62 -12.38
C LYS A 103 -16.41 -0.35 -11.34
N GLU A 104 -17.29 -1.33 -11.13
CA GLU A 104 -18.35 -1.17 -10.15
C GLU A 104 -17.85 -1.21 -8.71
N MET A 105 -17.20 -2.31 -8.31
CA MET A 105 -16.68 -2.42 -6.96
C MET A 105 -15.61 -1.37 -6.68
N ARG A 106 -14.99 -0.82 -7.73
CA ARG A 106 -13.98 0.21 -7.52
C ARG A 106 -14.71 1.50 -7.20
N ARG A 107 -15.56 1.93 -8.13
CA ARG A 107 -16.33 3.16 -7.96
C ARG A 107 -16.91 3.20 -6.55
N PHE A 108 -17.70 2.18 -6.20
CA PHE A 108 -18.31 2.12 -4.89
C PHE A 108 -17.29 2.28 -3.78
N SER A 109 -16.10 1.73 -3.98
CA SER A 109 -15.04 1.82 -2.98
C SER A 109 -14.47 3.23 -2.87
N LEU A 110 -14.12 3.84 -4.00
CA LEU A 110 -13.56 5.19 -4.02
C LEU A 110 -14.48 6.21 -3.34
N MET A 111 -15.78 6.03 -3.50
CA MET A 111 -16.71 6.96 -2.91
C MET A 111 -16.95 6.71 -1.43
N THR A 112 -17.42 5.53 -1.06
CA THR A 112 -17.68 5.30 0.36
C THR A 112 -16.42 5.38 1.21
N LEU A 113 -15.24 5.24 0.60
CA LEU A 113 -14.02 5.33 1.39
C LEU A 113 -13.48 6.75 1.46
N ARG A 114 -14.34 7.73 1.19
CA ARG A 114 -13.98 9.16 1.26
C ARG A 114 -14.07 9.52 2.74
N ASN A 115 -13.25 10.46 3.19
CA ASN A 115 -13.25 10.83 4.60
C ASN A 115 -14.61 10.91 5.29
N PHE A 116 -15.63 11.41 4.58
CA PHE A 116 -16.96 11.52 5.16
C PHE A 116 -17.99 10.68 4.39
N GLY A 117 -17.52 9.58 3.81
CA GLY A 117 -18.41 8.70 3.06
C GLY A 117 -19.07 7.64 3.92
N MET A 118 -19.17 7.89 5.22
CA MET A 118 -19.77 6.95 6.14
C MET A 118 -20.36 7.66 7.37
N GLY A 119 -21.15 8.70 7.14
CA GLY A 119 -21.76 9.40 8.25
C GLY A 119 -20.83 10.37 8.96
N LYS A 120 -21.29 10.85 10.11
CA LYS A 120 -20.56 11.82 10.91
C LYS A 120 -19.19 11.46 11.47
N ARG A 121 -18.92 10.17 11.69
CA ARG A 121 -17.62 9.78 12.23
C ARG A 121 -16.69 9.58 11.05
N SER A 122 -16.01 10.65 10.66
CA SER A 122 -15.09 10.64 9.53
C SER A 122 -13.98 9.61 9.67
N ILE A 123 -13.34 9.26 8.56
CA ILE A 123 -12.25 8.31 8.60
C ILE A 123 -11.10 8.94 9.40
N GLU A 124 -10.98 10.27 9.35
CA GLU A 124 -9.93 10.95 10.09
C GLU A 124 -10.11 10.75 11.58
N ASP A 125 -11.35 10.79 12.03
CA ASP A 125 -11.63 10.60 13.44
C ASP A 125 -11.17 9.20 13.78
N ARG A 126 -11.46 8.28 12.88
CA ARG A 126 -11.09 6.88 13.07
C ARG A 126 -9.58 6.68 13.11
N ILE A 127 -8.85 7.39 12.24
CA ILE A 127 -7.39 7.29 12.23
C ILE A 127 -6.90 7.87 13.55
N GLN A 128 -7.54 8.94 13.99
CA GLN A 128 -7.18 9.61 15.23
C GLN A 128 -7.37 8.76 16.46
N GLU A 129 -8.43 7.95 16.47
CA GLU A 129 -8.67 7.11 17.63
C GLU A 129 -7.58 6.05 17.74
N GLU A 130 -7.30 5.36 16.65
CA GLU A 130 -6.28 4.33 16.67
C GLU A 130 -4.94 4.96 17.05
N ALA A 131 -4.67 6.16 16.54
CA ALA A 131 -3.42 6.86 16.85
C ALA A 131 -3.21 7.00 18.35
N ARG A 132 -4.29 7.20 19.09
CA ARG A 132 -4.17 7.34 20.54
C ARG A 132 -3.82 5.96 21.08
N CYS A 133 -4.57 4.96 20.63
CA CYS A 133 -4.31 3.58 21.06
C CYS A 133 -2.89 3.16 20.72
N LEU A 134 -2.36 3.63 19.59
CA LEU A 134 -1.01 3.27 19.20
C LEU A 134 0.00 3.90 20.13
N VAL A 135 -0.20 5.17 20.46
CA VAL A 135 0.71 5.86 21.36
C VAL A 135 0.69 5.23 22.74
N GLU A 136 -0.51 4.90 23.22
CA GLU A 136 -0.66 4.27 24.53
C GLU A 136 0.14 2.98 24.62
N GLU A 137 -0.22 2.01 23.79
CA GLU A 137 0.44 0.71 23.80
C GLU A 137 1.93 0.82 23.49
N LEU A 138 2.36 1.92 22.86
CA LEU A 138 3.78 2.11 22.57
C LEU A 138 4.38 2.46 23.94
N ARG A 139 3.57 3.11 24.77
CA ARG A 139 3.97 3.50 26.11
C ARG A 139 4.20 2.27 26.97
N LYS A 140 3.29 1.31 26.88
CA LYS A 140 3.39 0.07 27.66
C LYS A 140 4.68 -0.67 27.35
N THR A 141 5.48 -0.12 26.45
CA THR A 141 6.76 -0.70 26.07
C THR A 141 7.77 -0.42 27.17
N ASN A 142 7.35 0.41 28.13
CA ASN A 142 8.19 0.80 29.26
C ASN A 142 9.59 1.26 28.88
N ALA A 143 9.72 1.78 27.66
CA ALA A 143 10.98 2.30 27.15
C ALA A 143 12.10 1.28 27.06
N SER A 144 11.73 0.03 26.78
CA SER A 144 12.71 -1.04 26.66
C SER A 144 12.91 -1.36 25.18
N PRO A 145 13.99 -2.09 24.84
CA PRO A 145 14.18 -2.39 23.42
C PRO A 145 12.92 -3.08 22.93
N CYS A 146 12.67 -2.99 21.63
CA CYS A 146 11.46 -3.59 21.09
C CYS A 146 11.47 -3.69 19.56
N ASP A 147 10.63 -4.59 19.05
CA ASP A 147 10.48 -4.80 17.62
C ASP A 147 9.11 -4.24 17.28
N PRO A 148 9.07 -3.08 16.63
CA PRO A 148 7.84 -2.39 16.24
C PRO A 148 6.98 -3.12 15.23
N THR A 149 7.58 -4.10 14.56
CA THR A 149 6.89 -4.87 13.53
C THR A 149 5.47 -5.30 13.89
N PHE A 150 5.25 -5.68 15.16
CA PHE A 150 3.92 -6.10 15.58
C PHE A 150 2.90 -4.98 15.68
N ILE A 151 3.02 -4.18 16.74
CA ILE A 151 2.10 -3.08 16.98
C ILE A 151 1.89 -2.18 15.76
N LEU A 152 2.94 -2.03 14.95
CA LEU A 152 2.88 -1.18 13.78
C LEU A 152 1.99 -1.76 12.69
N GLY A 153 1.69 -3.05 12.83
CA GLY A 153 0.82 -3.70 11.86
C GLY A 153 -0.57 -3.77 12.46
N CYS A 154 -0.65 -3.56 13.77
CA CYS A 154 -1.89 -3.57 14.54
C CYS A 154 -2.70 -2.33 14.25
N ALA A 155 -2.06 -1.18 14.37
CA ALA A 155 -2.74 0.08 14.12
C ALA A 155 -3.43 0.07 12.75
N PRO A 156 -2.69 -0.22 11.66
CA PRO A 156 -3.30 -0.25 10.32
C PRO A 156 -4.42 -1.29 10.13
N CYS A 157 -4.29 -2.47 10.72
CA CYS A 157 -5.33 -3.47 10.56
C CYS A 157 -6.61 -2.96 11.21
N ASN A 158 -6.47 -2.31 12.36
CA ASN A 158 -7.61 -1.75 13.08
C ASN A 158 -8.27 -0.60 12.35
N VAL A 159 -7.48 0.21 11.67
CA VAL A 159 -8.06 1.33 10.93
C VAL A 159 -9.06 0.77 9.92
N ILE A 160 -8.62 -0.22 9.14
CA ILE A 160 -9.51 -0.80 8.16
C ILE A 160 -10.61 -1.57 8.86
N CYS A 161 -10.34 -2.07 10.07
CA CYS A 161 -11.37 -2.78 10.82
C CYS A 161 -12.41 -1.74 11.15
N SER A 162 -11.93 -0.58 11.57
CA SER A 162 -12.81 0.53 11.94
C SER A 162 -13.65 1.08 10.78
N VAL A 163 -13.08 1.25 9.59
CA VAL A 163 -13.90 1.79 8.49
C VAL A 163 -14.76 0.75 7.79
N ILE A 164 -14.63 -0.53 8.18
CA ILE A 164 -15.43 -1.58 7.56
C ILE A 164 -16.41 -2.33 8.48
N PHE A 165 -16.15 -2.33 9.77
CA PHE A 165 -17.04 -3.01 10.72
C PHE A 165 -17.59 -1.98 11.69
N HIS A 166 -16.74 -1.01 12.01
CA HIS A 166 -17.06 0.09 12.93
C HIS A 166 -16.42 -0.21 14.25
N ASN A 167 -15.92 -1.43 14.40
CA ASN A 167 -15.26 -1.83 15.63
C ASN A 167 -13.75 -1.87 15.43
N ARG A 168 -13.02 -1.95 16.53
CA ARG A 168 -11.58 -2.06 16.50
C ARG A 168 -11.26 -3.14 17.53
N PHE A 169 -10.09 -3.73 17.44
CA PHE A 169 -9.77 -4.78 18.38
C PHE A 169 -8.59 -4.46 19.25
N ASP A 170 -8.46 -5.23 20.33
CA ASP A 170 -7.37 -5.09 21.28
C ASP A 170 -6.14 -5.73 20.65
N TYR A 171 -4.96 -5.16 20.91
CA TYR A 171 -3.74 -5.70 20.34
C TYR A 171 -3.42 -7.04 21.00
N LYS A 172 -4.22 -7.39 22.00
CA LYS A 172 -4.05 -8.65 22.72
C LYS A 172 -5.19 -9.63 22.40
N ASP A 173 -6.24 -9.13 21.76
CA ASP A 173 -7.42 -9.92 21.37
C ASP A 173 -7.09 -11.06 20.40
N GLU A 174 -7.25 -12.29 20.88
CA GLU A 174 -6.95 -13.49 20.10
C GLU A 174 -7.47 -13.47 18.66
N GLU A 175 -8.78 -13.36 18.53
CA GLU A 175 -9.45 -13.35 17.23
C GLU A 175 -8.82 -12.32 16.30
N PHE A 176 -8.42 -11.18 16.85
CA PHE A 176 -7.78 -10.13 16.05
C PHE A 176 -6.43 -10.63 15.56
N LEU A 177 -5.57 -11.01 16.49
CA LEU A 177 -4.26 -11.54 16.17
C LEU A 177 -4.37 -12.68 15.12
N LYS A 178 -5.47 -13.42 15.17
CA LYS A 178 -5.71 -14.52 14.25
C LYS A 178 -5.98 -13.94 12.85
N LEU A 179 -6.85 -12.93 12.80
CA LEU A 179 -7.19 -12.25 11.55
C LEU A 179 -5.90 -11.84 10.86
N MET A 180 -5.00 -11.23 11.64
CA MET A 180 -3.71 -10.79 11.13
C MET A 180 -2.80 -11.95 10.71
N GLU A 181 -2.67 -12.96 11.58
CA GLU A 181 -1.85 -14.14 11.27
C GLU A 181 -2.14 -14.58 9.83
N SER A 182 -3.42 -14.59 9.48
CA SER A 182 -3.87 -14.97 8.16
C SER A 182 -3.44 -13.99 7.07
N LEU A 183 -4.01 -12.78 7.08
CA LEU A 183 -3.68 -11.78 6.06
C LEU A 183 -2.19 -11.79 5.71
N HIS A 184 -1.35 -11.86 6.73
CA HIS A 184 0.11 -11.83 6.56
C HIS A 184 0.73 -13.06 5.93
N GLU A 185 0.41 -14.25 6.42
CA GLU A 185 0.98 -15.46 5.85
C GLU A 185 0.65 -15.53 4.36
N ASN A 186 -0.62 -15.30 4.04
CA ASN A 186 -1.05 -15.34 2.66
C ASN A 186 -0.24 -14.41 1.78
N VAL A 187 -0.21 -13.12 2.11
CA VAL A 187 0.56 -12.17 1.31
C VAL A 187 2.00 -12.62 1.18
N GLU A 188 2.56 -13.13 2.27
CA GLU A 188 3.94 -13.57 2.21
C GLU A 188 4.13 -14.80 1.34
N LEU A 189 3.16 -15.72 1.38
CA LEU A 189 3.25 -16.92 0.57
C LEU A 189 2.83 -16.64 -0.88
N LEU A 190 2.81 -15.37 -1.28
CA LEU A 190 2.37 -15.03 -2.63
C LEU A 190 3.33 -14.23 -3.51
N GLY A 191 4.49 -13.86 -2.96
CA GLY A 191 5.51 -13.10 -3.68
C GLY A 191 5.41 -12.52 -5.09
N THR A 192 6.61 -12.19 -5.60
CA THR A 192 6.91 -11.57 -6.90
C THR A 192 5.99 -11.82 -8.11
N PRO A 193 6.01 -10.90 -9.10
CA PRO A 193 5.14 -11.18 -10.23
C PRO A 193 5.59 -12.48 -10.89
N LEU A 205 0.89 -27.11 -12.93
CA LEU A 205 1.18 -28.25 -12.01
C LEU A 205 2.37 -27.91 -11.13
N ASP A 206 2.27 -26.81 -10.39
CA ASP A 206 3.37 -26.36 -9.54
C ASP A 206 3.12 -26.46 -8.04
N TYR A 207 2.27 -27.39 -7.65
CA TYR A 207 1.94 -27.60 -6.25
C TYR A 207 3.14 -28.09 -5.46
N PHE A 208 3.52 -27.34 -4.43
CA PHE A 208 4.65 -27.75 -3.60
C PHE A 208 4.21 -28.77 -2.54
N PRO A 209 2.95 -28.72 -2.09
CA PRO A 209 1.85 -27.81 -2.44
C PRO A 209 1.30 -27.31 -1.11
N GLY A 210 1.98 -27.70 -0.04
CA GLY A 210 1.57 -27.30 1.29
C GLY A 210 1.28 -25.82 1.27
N ILE A 211 1.87 -25.16 0.28
CA ILE A 211 1.70 -23.74 0.07
C ILE A 211 0.22 -23.44 -0.22
N HIS A 212 -0.42 -24.35 -0.95
CA HIS A 212 -1.82 -24.20 -1.33
C HIS A 212 -2.86 -24.52 -0.27
N LYS A 213 -2.64 -25.55 0.54
CA LYS A 213 -3.65 -25.85 1.54
C LYS A 213 -3.66 -24.80 2.64
N THR A 214 -2.52 -24.20 2.92
CA THR A 214 -2.47 -23.18 3.96
C THR A 214 -3.30 -21.98 3.52
N LEU A 215 -3.08 -21.51 2.28
CA LEU A 215 -3.82 -20.37 1.78
C LEU A 215 -5.30 -20.63 2.03
N LEU A 216 -5.81 -21.70 1.43
CA LEU A 216 -7.20 -22.11 1.57
C LEU A 216 -7.64 -21.95 3.03
N LYS A 217 -6.79 -22.43 3.94
CA LYS A 217 -7.06 -22.34 5.37
C LYS A 217 -7.26 -20.87 5.70
N ASN A 218 -6.16 -20.12 5.62
CA ASN A 218 -6.16 -18.69 5.88
C ASN A 218 -7.24 -17.94 5.12
N ALA A 219 -7.27 -18.12 3.81
CA ALA A 219 -8.29 -17.45 3.00
C ALA A 219 -9.63 -17.69 3.69
N ASP A 220 -9.87 -18.94 4.05
CA ASP A 220 -11.11 -19.31 4.71
C ASP A 220 -11.34 -18.59 6.03
N TYR A 221 -10.31 -18.47 6.87
CA TYR A 221 -10.52 -17.79 8.14
C TYR A 221 -10.93 -16.35 7.89
N ILE A 222 -10.21 -15.67 7.02
CA ILE A 222 -10.54 -14.29 6.71
C ILE A 222 -12.00 -14.26 6.27
N LYS A 223 -12.29 -14.91 5.15
CA LYS A 223 -13.64 -14.96 4.59
C LYS A 223 -14.74 -15.14 5.63
N ASN A 224 -14.46 -15.93 6.65
CA ASN A 224 -15.45 -16.12 7.71
C ASN A 224 -15.52 -14.84 8.54
N PHE A 225 -14.45 -14.56 9.28
CA PHE A 225 -14.38 -13.36 10.12
C PHE A 225 -15.21 -12.25 9.51
N ILE A 226 -14.96 -11.95 8.24
CA ILE A 226 -15.68 -10.91 7.55
C ILE A 226 -17.19 -11.18 7.52
N MET A 227 -17.59 -12.32 6.95
CA MET A 227 -18.99 -12.67 6.85
C MET A 227 -19.71 -12.68 8.20
N GLU A 228 -18.99 -13.02 9.26
CA GLU A 228 -19.62 -13.04 10.57
C GLU A 228 -20.06 -11.63 10.92
N LYS A 229 -19.28 -10.64 10.50
CA LYS A 229 -19.61 -9.25 10.76
C LYS A 229 -20.66 -8.77 9.78
N VAL A 230 -20.64 -9.33 8.57
CA VAL A 230 -21.63 -8.92 7.57
C VAL A 230 -23.01 -9.33 8.04
N LYS A 231 -23.12 -10.53 8.60
CA LYS A 231 -24.40 -11.00 9.09
C LYS A 231 -24.91 -10.10 10.20
N GLU A 232 -24.10 -9.90 11.24
CA GLU A 232 -24.53 -9.05 12.34
C GLU A 232 -24.72 -7.60 11.89
N HIS A 233 -24.09 -7.23 10.78
CA HIS A 233 -24.24 -5.87 10.26
C HIS A 233 -25.57 -5.73 9.55
N GLN A 234 -26.17 -6.87 9.20
CA GLN A 234 -27.45 -6.88 8.53
C GLN A 234 -28.61 -6.61 9.49
N LYS A 235 -28.48 -7.09 10.73
CA LYS A 235 -29.53 -6.89 11.72
C LYS A 235 -29.65 -5.44 12.21
N LEU A 236 -28.90 -4.51 11.63
CA LEU A 236 -29.00 -3.13 12.07
C LEU A 236 -28.42 -2.02 11.21
N LEU A 237 -29.28 -1.34 10.44
CA LEU A 237 -28.85 -0.19 9.63
C LEU A 237 -29.89 0.92 9.54
N ASP A 238 -29.53 2.02 8.88
CA ASP A 238 -30.41 3.17 8.86
C ASP A 238 -30.89 3.78 7.56
N VAL A 239 -31.69 4.84 7.76
CA VAL A 239 -32.24 5.68 6.71
C VAL A 239 -30.94 6.29 6.26
N ASN A 240 -30.47 5.90 5.10
CA ASN A 240 -29.20 6.40 4.60
C ASN A 240 -28.29 6.97 5.69
N ASN A 241 -28.19 6.24 6.80
CA ASN A 241 -27.28 6.58 7.89
C ASN A 241 -26.45 5.33 8.12
N PRO A 242 -25.60 5.01 7.14
CA PRO A 242 -24.74 3.84 7.23
C PRO A 242 -23.49 4.38 7.92
N ARG A 243 -22.85 3.55 8.75
CA ARG A 243 -21.66 4.02 9.45
C ARG A 243 -20.35 3.35 9.03
N ASP A 244 -20.36 2.66 7.90
CA ASP A 244 -19.15 2.01 7.41
C ASP A 244 -19.37 1.19 6.15
N PHE A 245 -18.27 0.84 5.48
CA PHE A 245 -18.29 0.07 4.23
C PHE A 245 -19.45 -0.91 4.11
N ILE A 246 -19.45 -1.94 4.95
CA ILE A 246 -20.51 -2.94 4.92
C ILE A 246 -21.88 -2.28 4.83
N ASP A 247 -22.23 -1.46 5.82
CA ASP A 247 -23.51 -0.75 5.84
C ASP A 247 -23.82 -0.07 4.50
N CYS A 248 -22.81 0.51 3.87
CA CYS A 248 -22.98 1.20 2.60
C CYS A 248 -23.31 0.22 1.50
N PHE A 249 -22.56 -0.88 1.46
CA PHE A 249 -22.74 -1.94 0.47
C PHE A 249 -24.16 -2.46 0.64
N LEU A 250 -24.40 -3.06 1.80
CA LEU A 250 -25.70 -3.61 2.17
C LEU A 250 -26.84 -2.79 1.60
N ILE A 251 -26.85 -1.49 1.89
CA ILE A 251 -27.91 -0.66 1.35
C ILE A 251 -27.68 -0.38 -0.13
N LYS A 252 -27.51 -1.47 -0.87
CA LYS A 252 -27.33 -1.45 -2.30
C LYS A 252 -28.15 -2.62 -2.83
N MET A 253 -29.42 -2.32 -3.00
CA MET A 253 -30.43 -3.23 -3.53
C MET A 253 -31.04 -2.27 -4.55
N GLU A 254 -30.30 -2.10 -5.62
CA GLU A 254 -30.64 -1.22 -6.73
C GLU A 254 -30.38 -2.08 -7.96
N GLN A 255 -31.11 -1.84 -9.05
CA GLN A 255 -30.94 -2.67 -10.24
C GLN A 255 -31.29 -4.09 -9.78
N GLU A 256 -32.37 -4.16 -8.99
CA GLU A 256 -32.92 -5.38 -8.39
C GLU A 256 -32.09 -5.90 -7.22
N ASN A 257 -32.75 -6.66 -6.36
CA ASN A 257 -32.18 -7.26 -5.15
C ASN A 257 -30.68 -7.15 -4.91
N ASN A 258 -29.87 -7.66 -5.82
CA ASN A 258 -28.42 -7.61 -5.65
C ASN A 258 -27.61 -6.71 -6.59
N LEU A 259 -27.49 -7.09 -7.86
CA LEU A 259 -26.74 -6.31 -8.85
C LEU A 259 -25.29 -6.82 -8.89
N GLU A 260 -24.33 -5.95 -8.52
CA GLU A 260 -22.94 -6.37 -8.47
C GLU A 260 -22.77 -6.60 -6.98
N PHE A 261 -23.57 -5.85 -6.20
CA PHE A 261 -23.58 -6.03 -4.77
C PHE A 261 -24.05 -7.46 -4.63
N THR A 262 -23.33 -8.26 -3.86
CA THR A 262 -23.70 -9.64 -3.61
C THR A 262 -22.91 -9.99 -2.38
N LEU A 263 -23.54 -10.71 -1.47
CA LEU A 263 -22.89 -11.10 -0.22
C LEU A 263 -21.48 -11.66 -0.41
N GLU A 264 -21.19 -12.20 -1.58
CA GLU A 264 -19.86 -12.78 -1.83
C GLU A 264 -18.88 -11.81 -2.47
N SER A 265 -19.38 -10.95 -3.35
CA SER A 265 -18.52 -9.96 -4.00
C SER A 265 -18.05 -9.02 -2.88
N LEU A 266 -18.97 -8.74 -1.95
CA LEU A 266 -18.66 -7.89 -0.80
C LEU A 266 -17.37 -8.39 -0.18
N VAL A 267 -17.47 -9.54 0.50
CA VAL A 267 -16.34 -10.18 1.16
C VAL A 267 -15.02 -10.03 0.42
N ILE A 268 -15.01 -10.41 -0.86
CA ILE A 268 -13.81 -10.34 -1.68
C ILE A 268 -13.20 -8.93 -1.71
N ALA A 269 -14.04 -7.92 -1.55
CA ALA A 269 -13.55 -6.54 -1.54
C ALA A 269 -12.91 -6.27 -0.17
N VAL A 270 -13.67 -6.55 0.88
CA VAL A 270 -13.21 -6.38 2.25
C VAL A 270 -11.90 -7.13 2.46
N SER A 271 -11.68 -8.16 1.66
CA SER A 271 -10.46 -8.92 1.76
C SER A 271 -9.33 -8.18 1.10
N ASP A 272 -9.57 -7.69 -0.11
CA ASP A 272 -8.55 -6.95 -0.84
C ASP A 272 -8.24 -5.66 -0.12
N LEU A 273 -9.25 -5.09 0.53
CA LEU A 273 -9.03 -3.86 1.28
C LEU A 273 -8.12 -4.21 2.45
N PHE A 274 -8.52 -5.19 3.24
CA PHE A 274 -7.71 -5.64 4.38
C PHE A 274 -6.29 -5.97 3.90
N GLY A 275 -6.18 -6.93 2.99
CA GLY A 275 -4.89 -7.37 2.47
C GLY A 275 -3.96 -6.28 1.95
N ALA A 276 -4.39 -5.56 0.91
CA ALA A 276 -3.59 -4.47 0.35
C ALA A 276 -3.48 -3.33 1.36
N GLY A 277 -4.57 -3.03 2.04
CA GLY A 277 -4.60 -1.97 3.02
C GLY A 277 -3.83 -2.14 4.31
N THR A 278 -3.72 -3.37 4.77
CA THR A 278 -3.05 -3.63 6.01
C THR A 278 -1.52 -3.74 5.87
N GLU A 279 -1.05 -4.55 4.93
CA GLU A 279 0.38 -4.77 4.72
C GLU A 279 1.17 -3.50 4.37
N THR A 280 0.93 -2.94 3.19
CA THR A 280 1.61 -1.73 2.72
C THR A 280 1.81 -0.66 3.79
N THR A 281 0.71 -0.18 4.38
CA THR A 281 0.78 0.84 5.42
C THR A 281 1.67 0.43 6.61
N SER A 282 1.58 -0.82 7.03
CA SER A 282 2.41 -1.27 8.13
C SER A 282 3.89 -1.30 7.78
N THR A 283 4.22 -1.92 6.65
CA THR A 283 5.63 -2.02 6.26
C THR A 283 6.26 -0.65 5.98
N THR A 284 5.42 0.37 5.84
CA THR A 284 5.90 1.75 5.62
C THR A 284 6.18 2.43 6.96
N LEU A 285 5.26 2.28 7.91
CA LEU A 285 5.43 2.86 9.22
C LEU A 285 6.66 2.22 9.88
N ARG A 286 6.82 0.91 9.70
CA ARG A 286 7.97 0.20 10.23
C ARG A 286 9.23 0.71 9.55
N TYR A 287 9.08 1.05 8.27
CA TYR A 287 10.22 1.55 7.51
C TYR A 287 10.50 3.01 7.85
N SER A 288 9.46 3.76 8.20
CA SER A 288 9.65 5.15 8.57
C SER A 288 10.54 5.31 9.81
N LEU A 289 10.22 4.57 10.87
CA LEU A 289 10.99 4.66 12.09
C LEU A 289 12.46 4.33 11.85
N LEU A 290 12.73 3.29 11.07
CA LEU A 290 14.11 2.93 10.79
C LEU A 290 14.85 4.11 10.18
N LEU A 291 14.20 4.81 9.26
CA LEU A 291 14.81 5.97 8.61
C LEU A 291 15.02 7.11 9.59
N LEU A 292 14.10 7.29 10.54
CA LEU A 292 14.25 8.36 11.52
C LEU A 292 15.34 8.01 12.53
N LEU A 293 15.58 6.71 12.72
CA LEU A 293 16.64 6.24 13.62
C LEU A 293 17.92 6.38 12.85
N LYS A 294 17.83 6.11 11.55
CA LYS A 294 18.96 6.18 10.65
C LYS A 294 19.44 7.62 10.49
N HIS A 295 18.50 8.56 10.50
CA HIS A 295 18.83 9.98 10.34
C HIS A 295 18.05 10.79 11.38
N PRO A 296 18.48 10.77 12.65
CA PRO A 296 17.77 11.53 13.67
C PRO A 296 17.62 13.04 13.50
N GLU A 297 18.39 13.65 12.58
CA GLU A 297 18.25 15.10 12.39
C GLU A 297 16.85 15.34 11.83
N VAL A 298 16.39 14.42 10.98
CA VAL A 298 15.08 14.54 10.38
C VAL A 298 14.03 14.48 11.49
N ALA A 299 14.14 13.47 12.34
CA ALA A 299 13.20 13.31 13.44
C ALA A 299 13.14 14.52 14.36
N ALA A 300 14.28 15.18 14.57
CA ALA A 300 14.37 16.35 15.44
C ALA A 300 13.61 17.50 14.84
N ARG A 301 13.87 17.78 13.56
CA ARG A 301 13.20 18.86 12.89
C ARG A 301 11.69 18.60 12.76
N VAL A 302 11.29 17.34 12.58
CA VAL A 302 9.86 17.02 12.49
C VAL A 302 9.20 17.42 13.81
N GLN A 303 9.90 17.13 14.91
CA GLN A 303 9.42 17.45 16.25
C GLN A 303 9.39 18.96 16.50
N GLU A 304 10.39 19.66 15.99
CA GLU A 304 10.43 21.11 16.14
C GLU A 304 9.10 21.53 15.54
N GLU A 305 8.93 21.15 14.28
CA GLU A 305 7.71 21.45 13.55
C GLU A 305 6.47 21.03 14.33
N ILE A 306 6.50 19.86 14.96
CA ILE A 306 5.32 19.40 15.70
C ILE A 306 5.01 20.31 16.88
N GLU A 307 6.00 20.52 17.77
CA GLU A 307 5.79 21.39 18.92
C GLU A 307 5.35 22.77 18.47
N ARG A 308 5.99 23.28 17.41
CA ARG A 308 5.72 24.61 16.87
C ARG A 308 4.30 24.90 16.35
N VAL A 309 3.68 23.95 15.65
CA VAL A 309 2.34 24.19 15.12
C VAL A 309 1.25 23.37 15.81
N ILE A 310 1.60 22.19 16.29
CA ILE A 310 0.65 21.34 17.01
C ILE A 310 1.06 21.49 18.47
N GLY A 311 0.11 21.36 19.40
CA GLY A 311 0.49 21.51 20.79
C GLY A 311 1.60 20.57 21.25
N ARG A 312 1.51 20.19 22.51
CA ARG A 312 2.39 19.25 23.17
C ARG A 312 1.27 18.52 23.85
N HIS A 313 0.13 19.20 23.78
CA HIS A 313 -1.11 18.77 24.36
C HIS A 313 -2.01 18.03 23.36
N ARG A 314 -2.93 18.72 22.69
CA ARG A 314 -3.82 18.06 21.73
C ARG A 314 -3.09 17.14 20.76
N SER A 315 -3.81 16.14 20.26
CA SER A 315 -3.26 15.19 19.31
C SER A 315 -3.31 15.84 17.92
N PRO A 316 -2.68 15.22 16.92
CA PRO A 316 -2.74 15.85 15.61
C PRO A 316 -4.02 15.55 14.85
N CYS A 317 -4.33 16.45 13.92
CA CYS A 317 -5.49 16.32 13.05
C CYS A 317 -4.98 16.69 11.67
N MET A 318 -5.62 16.17 10.62
CA MET A 318 -5.17 16.44 9.27
C MET A 318 -4.97 17.90 8.96
N GLN A 319 -5.82 18.76 9.52
CA GLN A 319 -5.71 20.19 9.26
C GLN A 319 -4.26 20.69 9.39
N ASP A 320 -3.55 20.24 10.43
CA ASP A 320 -2.16 20.62 10.66
C ASP A 320 -1.20 20.45 9.47
N ARG A 321 -1.27 19.30 8.81
CA ARG A 321 -0.38 19.01 7.67
C ARG A 321 -0.06 20.16 6.74
N SER A 322 -1.06 20.95 6.38
CA SER A 322 -0.84 22.07 5.46
C SER A 322 0.09 23.14 6.03
N ARG A 323 0.20 23.18 7.34
CA ARG A 323 1.06 24.15 8.00
C ARG A 323 2.35 23.51 8.48
N MET A 324 2.65 22.34 7.93
CA MET A 324 3.85 21.59 8.30
C MET A 324 4.59 21.05 7.08
N PRO A 325 5.15 21.94 6.25
CA PRO A 325 5.88 21.49 5.05
C PRO A 325 7.01 20.50 5.29
N TYR A 326 7.85 20.75 6.29
CA TYR A 326 8.97 19.84 6.52
C TYR A 326 8.48 18.43 6.84
N THR A 327 7.53 18.31 7.77
CA THR A 327 7.03 17.00 8.13
C THR A 327 6.49 16.31 6.91
N ASP A 328 5.72 17.05 6.10
CA ASP A 328 5.12 16.50 4.88
C ASP A 328 6.21 16.14 3.87
N ALA A 329 7.24 16.97 3.80
CA ALA A 329 8.33 16.70 2.88
C ALA A 329 8.92 15.35 3.27
N VAL A 330 9.08 15.12 4.58
CA VAL A 330 9.64 13.87 5.07
C VAL A 330 8.78 12.66 4.73
N ILE A 331 7.52 12.65 5.14
CA ILE A 331 6.67 11.51 4.84
C ILE A 331 6.70 11.29 3.34
N HIS A 332 6.74 12.37 2.57
CA HIS A 332 6.78 12.26 1.11
C HIS A 332 8.07 11.56 0.71
N GLU A 333 9.20 12.08 1.19
CA GLU A 333 10.52 11.49 0.89
C GLU A 333 10.64 10.02 1.30
N ILE A 334 9.99 9.64 2.41
CA ILE A 334 10.06 8.25 2.86
C ILE A 334 9.39 7.31 1.84
N GLN A 335 8.25 7.72 1.32
CA GLN A 335 7.58 6.88 0.33
C GLN A 335 8.38 6.82 -0.98
N ARG A 336 8.94 7.95 -1.38
CA ARG A 336 9.73 7.97 -2.60
C ARG A 336 10.96 7.09 -2.44
N PHE A 337 11.65 7.26 -1.32
CA PHE A 337 12.87 6.51 -1.06
C PHE A 337 12.73 5.02 -0.82
N ILE A 338 11.75 4.61 0.00
CA ILE A 338 11.61 3.17 0.28
C ILE A 338 11.07 2.38 -0.90
N ASP A 339 10.47 3.06 -1.88
CA ASP A 339 9.96 2.40 -3.08
C ASP A 339 9.37 1.02 -2.71
N LEU A 340 8.25 1.07 -1.98
CA LEU A 340 7.56 -0.12 -1.48
C LEU A 340 7.16 -1.14 -2.54
N LEU A 341 6.77 -0.66 -3.73
CA LEU A 341 6.37 -1.56 -4.81
C LEU A 341 7.12 -1.22 -6.11
N PRO A 342 8.41 -1.61 -6.21
CA PRO A 342 9.26 -1.38 -7.38
C PRO A 342 8.46 -1.52 -8.67
N THR A 343 7.87 -2.69 -8.83
CA THR A 343 7.00 -2.97 -9.96
C THR A 343 5.70 -3.00 -9.17
N ASN A 344 4.68 -2.21 -9.53
CA ASN A 344 3.48 -2.31 -8.72
C ASN A 344 2.76 -3.59 -8.98
N LEU A 345 1.44 -3.58 -9.00
CA LEU A 345 0.72 -4.82 -9.27
C LEU A 345 0.67 -5.03 -10.77
N PRO A 346 0.71 -6.29 -11.20
CA PRO A 346 0.66 -6.54 -12.65
C PRO A 346 -0.58 -5.95 -13.31
N HIS A 347 -0.37 -5.35 -14.49
CA HIS A 347 -1.44 -4.75 -15.29
C HIS A 347 -1.56 -5.58 -16.58
N ALA A 348 -2.65 -5.39 -17.32
CA ALA A 348 -2.88 -6.11 -18.57
C ALA A 348 -3.82 -5.33 -19.48
N VAL A 349 -3.40 -5.09 -20.72
CA VAL A 349 -4.23 -4.33 -21.66
C VAL A 349 -5.56 -5.00 -21.97
N THR A 350 -6.59 -4.19 -22.28
CA THR A 350 -7.94 -4.69 -22.54
C THR A 350 -8.45 -4.64 -23.98
N ARG A 351 -7.67 -5.17 -24.91
CA ARG A 351 -8.00 -5.20 -26.33
C ARG A 351 -6.67 -4.98 -26.99
N ASP A 352 -6.67 -4.35 -28.15
CA ASP A 352 -5.41 -4.09 -28.81
C ASP A 352 -5.08 -2.63 -28.55
N VAL A 353 -3.81 -2.29 -28.70
CA VAL A 353 -3.35 -0.94 -28.45
C VAL A 353 -2.06 -0.72 -29.23
N ARG A 354 -1.96 0.40 -29.93
CA ARG A 354 -0.77 0.68 -30.71
C ARG A 354 0.11 1.71 -30.01
N PHE A 355 0.61 1.34 -28.83
CA PHE A 355 1.48 2.18 -28.01
C PHE A 355 2.74 2.57 -28.79
N ARG A 356 2.92 3.87 -29.04
CA ARG A 356 4.07 4.35 -29.80
C ARG A 356 4.12 3.51 -31.09
N ASN A 357 5.29 3.45 -31.74
CA ASN A 357 5.43 2.65 -32.95
C ASN A 357 5.65 1.22 -32.45
N TYR A 358 4.58 0.57 -32.01
CA TYR A 358 4.73 -0.79 -31.47
C TYR A 358 3.60 -1.81 -31.68
N PHE A 359 2.53 -1.70 -30.87
CA PHE A 359 1.37 -2.59 -30.94
C PHE A 359 1.35 -3.76 -29.95
N ILE A 360 0.43 -3.70 -28.98
CA ILE A 360 0.27 -4.73 -27.95
C ILE A 360 -1.13 -5.36 -28.06
N PRO A 361 -1.19 -6.71 -28.14
CA PRO A 361 -2.45 -7.46 -28.25
C PRO A 361 -3.21 -7.72 -26.94
N LYS A 362 -4.54 -7.73 -27.03
CA LYS A 362 -5.40 -7.94 -25.86
C LYS A 362 -4.91 -9.06 -24.95
N GLY A 363 -4.80 -8.73 -23.66
CA GLY A 363 -4.37 -9.72 -22.69
C GLY A 363 -2.91 -9.70 -22.29
N THR A 364 -2.08 -8.92 -22.99
CA THR A 364 -0.66 -8.87 -22.67
C THR A 364 -0.44 -8.27 -21.29
N ASP A 365 0.51 -8.82 -20.55
CA ASP A 365 0.81 -8.34 -19.23
C ASP A 365 1.77 -7.17 -19.26
N ILE A 366 1.40 -6.12 -18.54
CA ILE A 366 2.18 -4.91 -18.45
C ILE A 366 2.67 -4.73 -17.02
N ILE A 367 3.94 -4.37 -16.86
CA ILE A 367 4.46 -4.13 -15.53
C ILE A 367 5.22 -2.81 -15.65
N THR A 368 4.88 -1.88 -14.76
CA THR A 368 5.46 -0.55 -14.77
C THR A 368 6.50 -0.31 -13.68
N SER A 369 7.73 0.01 -14.08
CA SER A 369 8.80 0.27 -13.11
C SER A 369 8.62 1.59 -12.37
N LEU A 370 7.90 1.57 -11.24
CA LEU A 370 7.68 2.76 -10.44
C LEU A 370 9.01 3.19 -9.82
N THR A 371 9.82 2.21 -9.46
CA THR A 371 11.09 2.54 -8.88
C THR A 371 11.74 3.52 -9.85
N SER A 372 11.60 3.21 -11.14
CA SER A 372 12.19 4.04 -12.17
C SER A 372 11.69 5.48 -12.13
N VAL A 373 10.44 5.70 -11.71
CA VAL A 373 9.92 7.07 -11.64
C VAL A 373 10.29 7.71 -10.30
N LEU A 374 10.06 6.94 -9.23
CA LEU A 374 10.35 7.34 -7.85
C LEU A 374 11.82 7.68 -7.64
N HIS A 375 12.70 7.02 -8.38
CA HIS A 375 14.13 7.28 -8.27
C HIS A 375 14.75 7.97 -9.49
N ASP A 376 13.93 8.70 -10.24
CA ASP A 376 14.41 9.42 -11.40
C ASP A 376 15.41 10.46 -10.90
N GLU A 377 16.60 10.50 -11.50
CA GLU A 377 17.65 11.41 -11.07
C GLU A 377 17.59 12.87 -11.50
N LYS A 378 16.69 13.21 -12.42
CA LYS A 378 16.60 14.61 -12.83
C LYS A 378 15.53 15.22 -11.94
N ALA A 379 14.51 14.41 -11.62
CA ALA A 379 13.39 14.84 -10.77
C ALA A 379 13.82 14.92 -9.31
N PHE A 380 14.61 13.96 -8.88
CA PHE A 380 15.09 13.92 -7.50
C PHE A 380 16.59 13.71 -7.49
N PRO A 381 17.37 14.77 -7.79
CA PRO A 381 18.83 14.75 -7.82
C PRO A 381 19.49 13.44 -7.39
N ASN A 382 20.06 13.36 -6.19
CA ASN A 382 20.66 12.09 -5.79
C ASN A 382 19.50 11.27 -5.26
N PRO A 383 18.77 10.61 -6.16
CA PRO A 383 17.60 9.79 -5.90
C PRO A 383 17.83 8.70 -4.89
N LYS A 384 19.07 8.24 -4.83
CA LYS A 384 19.42 7.19 -3.89
C LYS A 384 19.73 7.76 -2.50
N VAL A 385 19.49 9.05 -2.28
CA VAL A 385 19.75 9.68 -0.98
C VAL A 385 18.47 10.10 -0.27
N PHE A 386 18.32 9.73 1.00
CA PHE A 386 17.13 10.11 1.76
C PHE A 386 17.37 11.54 2.16
N ASP A 387 16.55 12.45 1.65
CA ASP A 387 16.69 13.87 1.94
C ASP A 387 15.33 14.51 1.76
N PRO A 388 14.74 15.03 2.83
CA PRO A 388 13.44 15.67 2.70
C PRO A 388 13.53 16.83 1.71
N GLY A 389 14.75 17.26 1.44
CA GLY A 389 14.97 18.35 0.51
C GLY A 389 14.29 18.09 -0.81
N HIS A 390 14.38 16.85 -1.30
CA HIS A 390 13.76 16.48 -2.58
C HIS A 390 12.32 17.02 -2.66
N PHE A 391 11.76 17.41 -1.52
CA PHE A 391 10.40 17.92 -1.48
C PHE A 391 10.23 19.30 -0.85
N LEU A 392 11.29 20.09 -0.81
CA LEU A 392 11.23 21.44 -0.25
C LEU A 392 11.87 22.40 -1.26
N ASP A 393 11.47 23.67 -1.22
CA ASP A 393 12.03 24.67 -2.12
C ASP A 393 13.06 25.55 -1.39
N GLU A 394 14.11 25.92 -2.12
CA GLU A 394 15.21 26.73 -1.59
C GLU A 394 14.78 28.11 -1.13
N SER A 395 13.60 28.19 -0.51
CA SER A 395 13.06 29.45 -0.01
C SER A 395 12.08 29.15 1.10
N GLY A 396 12.62 28.64 2.20
CA GLY A 396 11.81 28.27 3.34
C GLY A 396 11.34 26.89 2.97
N ASN A 397 10.81 26.14 3.91
CA ASN A 397 10.33 24.82 3.55
C ASN A 397 9.02 25.12 2.84
N PHE A 398 8.68 24.31 1.85
CA PHE A 398 7.44 24.45 1.08
C PHE A 398 7.45 23.23 0.16
N LYS A 399 6.35 22.48 0.12
CA LYS A 399 6.25 21.27 -0.71
C LYS A 399 6.63 21.45 -2.21
N LYS A 400 6.37 20.45 -3.05
CA LYS A 400 6.65 20.46 -4.51
C LYS A 400 5.97 19.21 -5.16
N SER A 401 6.75 18.38 -5.86
CA SER A 401 6.28 17.07 -6.41
C SER A 401 5.60 16.76 -7.75
N ASP A 402 6.03 15.66 -8.39
CA ASP A 402 5.40 15.14 -9.62
C ASP A 402 5.79 13.72 -10.10
N TYR A 403 6.98 13.25 -9.74
CA TYR A 403 7.37 11.89 -10.09
C TYR A 403 7.00 11.08 -8.88
N PHE A 404 6.13 11.66 -8.07
CA PHE A 404 5.66 11.06 -6.85
C PHE A 404 4.50 10.14 -7.17
N MET A 405 4.83 8.93 -7.62
CA MET A 405 3.83 7.93 -8.00
C MET A 405 3.88 6.66 -7.13
N PRO A 406 4.08 6.78 -5.81
CA PRO A 406 4.11 5.52 -5.09
C PRO A 406 2.75 4.84 -5.00
N PHE A 407 1.68 5.59 -5.23
CA PHE A 407 0.33 5.01 -5.20
C PHE A 407 -0.09 4.64 -6.63
N SER A 408 0.89 4.62 -7.54
CA SER A 408 0.69 4.33 -8.95
C SER A 408 0.03 5.57 -9.53
N ALA A 409 -0.66 5.43 -10.66
CA ALA A 409 -1.28 6.61 -11.26
C ALA A 409 -2.33 6.34 -12.33
N GLY A 410 -2.71 5.09 -12.51
CA GLY A 410 -3.68 4.80 -13.55
C GLY A 410 -5.12 5.04 -13.17
N LYS A 411 -5.97 4.14 -13.63
CA LYS A 411 -7.38 4.17 -13.32
C LYS A 411 -7.46 3.02 -12.33
N ARG A 412 -6.29 2.44 -12.10
CA ARG A 412 -6.08 1.33 -11.18
C ARG A 412 -5.17 1.85 -10.05
N MET A 413 -5.13 3.17 -9.91
CA MET A 413 -4.33 3.81 -8.88
C MET A 413 -4.83 3.29 -7.55
N CYS A 414 -4.04 3.46 -6.49
CA CYS A 414 -4.47 2.97 -5.18
C CYS A 414 -5.85 3.48 -4.86
N VAL A 415 -6.59 2.75 -4.04
CA VAL A 415 -7.94 3.15 -3.66
C VAL A 415 -7.92 3.75 -2.26
N GLY A 416 -6.97 3.29 -1.46
CA GLY A 416 -6.86 3.78 -0.11
C GLY A 416 -5.98 5.01 -0.02
N GLU A 417 -5.27 5.33 -1.11
CA GLU A 417 -4.36 6.46 -1.15
C GLU A 417 -4.73 7.51 -0.12
N GLY A 418 -5.95 8.00 -0.23
CA GLY A 418 -6.44 9.01 0.68
C GLY A 418 -6.14 8.64 2.11
N LEU A 419 -6.88 7.67 2.65
CA LEU A 419 -6.69 7.30 4.05
C LEU A 419 -5.29 6.80 4.39
N ALA A 420 -4.56 6.30 3.40
CA ALA A 420 -3.21 5.84 3.68
C ALA A 420 -2.36 7.07 4.01
N ARG A 421 -2.52 8.12 3.21
CA ARG A 421 -1.78 9.36 3.41
C ARG A 421 -2.06 9.95 4.79
N MET A 422 -3.25 9.69 5.31
CA MET A 422 -3.60 10.19 6.63
C MET A 422 -2.83 9.37 7.65
N GLU A 423 -3.16 8.08 7.74
CA GLU A 423 -2.51 7.17 8.67
C GLU A 423 -1.03 7.50 8.82
N LEU A 424 -0.37 7.74 7.70
CA LEU A 424 1.06 8.03 7.78
C LEU A 424 1.31 9.30 8.53
N PHE A 425 0.66 10.38 8.09
CA PHE A 425 0.84 11.67 8.72
C PHE A 425 0.36 11.67 10.17
N LEU A 426 -0.84 11.14 10.43
CA LEU A 426 -1.35 11.13 11.78
C LEU A 426 -0.56 10.20 12.70
N PHE A 427 -0.44 8.92 12.37
CA PHE A 427 0.32 7.98 13.22
C PHE A 427 1.73 8.50 13.50
N LEU A 428 2.53 8.61 12.44
CA LEU A 428 3.91 9.05 12.53
C LEU A 428 4.04 10.29 13.39
N THR A 429 3.34 11.33 12.96
CA THR A 429 3.35 12.60 13.66
C THR A 429 3.03 12.43 15.14
N SER A 430 2.01 11.67 15.49
CA SER A 430 1.71 11.50 16.89
C SER A 430 2.73 10.64 17.67
N ILE A 431 3.41 9.69 17.04
CA ILE A 431 4.39 8.91 17.81
C ILE A 431 5.55 9.85 18.12
N LEU A 432 5.95 10.68 17.16
CA LEU A 432 7.06 11.61 17.35
C LEU A 432 6.68 12.79 18.26
N GLN A 433 5.39 13.02 18.46
CA GLN A 433 4.97 14.10 19.33
C GLN A 433 5.21 13.61 20.76
N ASN A 434 4.86 12.35 21.00
CA ASN A 434 4.98 11.68 22.29
C ASN A 434 6.27 10.90 22.57
N PHE A 435 7.10 10.65 21.56
CA PHE A 435 8.30 9.85 21.80
C PHE A 435 9.59 10.33 21.15
N LYS A 436 10.69 9.94 21.80
CA LYS A 436 12.04 10.22 21.33
C LYS A 436 12.39 8.81 20.90
N LEU A 437 12.99 8.66 19.73
CA LEU A 437 13.34 7.32 19.26
C LEU A 437 14.81 7.02 19.47
N GLN A 438 15.12 6.02 20.29
CA GLN A 438 16.52 5.68 20.50
C GLN A 438 16.83 4.28 20.02
N SER A 439 17.89 4.17 19.22
CA SER A 439 18.34 2.90 18.68
C SER A 439 19.14 2.19 19.76
N LEU A 440 19.88 1.16 19.36
CA LEU A 440 20.72 0.41 20.28
C LEU A 440 22.08 0.31 19.58
N VAL A 441 22.22 1.04 18.48
CA VAL A 441 23.44 1.02 17.67
C VAL A 441 23.64 2.31 16.88
N GLU A 442 24.82 2.94 17.01
CA GLU A 442 25.14 4.18 16.29
C GLU A 442 24.45 4.18 14.91
N PRO A 443 23.92 5.33 14.48
CA PRO A 443 23.25 5.42 13.18
C PRO A 443 24.16 4.99 12.04
N LYS A 444 25.45 5.28 12.19
CA LYS A 444 26.41 4.93 11.17
C LYS A 444 26.63 3.43 11.12
N ASP A 445 25.86 2.69 11.91
CA ASP A 445 25.98 1.22 11.95
C ASP A 445 24.73 0.38 11.74
N LEU A 446 23.62 0.96 11.29
CA LEU A 446 22.46 0.11 11.04
C LEU A 446 21.96 0.12 9.60
N ASP A 447 21.66 -1.09 9.13
CA ASP A 447 21.21 -1.37 7.77
C ASP A 447 19.79 -0.93 7.48
N ILE A 448 19.63 -0.17 6.40
CA ILE A 448 18.31 0.30 6.00
C ILE A 448 18.06 -0.18 4.57
N THR A 449 18.89 -1.12 4.11
CA THR A 449 18.77 -1.69 2.77
C THR A 449 17.59 -2.63 2.72
N ALA A 450 16.79 -2.53 1.67
CA ALA A 450 15.61 -3.37 1.55
C ALA A 450 15.88 -4.70 0.89
N VAL A 451 15.07 -5.69 1.25
CA VAL A 451 15.11 -7.02 0.64
C VAL A 451 13.74 -6.96 -0.03
N VAL A 452 13.53 -7.65 -1.14
CA VAL A 452 12.24 -7.48 -1.80
C VAL A 452 11.30 -8.67 -1.91
N ASN A 453 10.64 -9.00 -0.80
CA ASN A 453 9.68 -10.10 -0.72
C ASN A 453 8.63 -10.12 -1.85
N GLY A 454 9.07 -10.35 -3.08
CA GLY A 454 8.13 -10.38 -4.20
C GLY A 454 7.89 -8.98 -4.74
N PHE A 455 6.72 -8.43 -4.43
CA PHE A 455 6.43 -7.08 -4.86
C PHE A 455 7.16 -6.21 -3.83
N VAL A 456 6.48 -6.07 -2.70
CA VAL A 456 6.92 -5.26 -1.55
C VAL A 456 8.37 -5.35 -1.11
N SER A 457 8.98 -4.19 -0.89
CA SER A 457 10.34 -4.09 -0.41
C SER A 457 10.19 -4.03 1.10
N VAL A 458 10.73 -5.01 1.82
CA VAL A 458 10.62 -5.03 3.28
C VAL A 458 11.92 -4.59 3.91
N PRO A 459 11.86 -3.73 4.93
CA PRO A 459 13.10 -3.26 5.57
C PRO A 459 13.77 -4.35 6.37
N PRO A 460 15.02 -4.11 6.78
CA PRO A 460 15.79 -5.07 7.57
C PRO A 460 15.06 -5.27 8.89
N SER A 461 15.72 -5.89 9.86
CA SER A 461 15.08 -6.09 11.15
C SER A 461 15.81 -5.19 12.14
N TYR A 462 15.04 -4.48 12.96
CA TYR A 462 15.65 -3.58 13.92
C TYR A 462 14.88 -3.58 15.21
N GLN A 463 15.53 -3.16 16.29
CA GLN A 463 14.89 -3.05 17.59
C GLN A 463 15.07 -1.61 18.06
N LEU A 464 14.16 -1.12 18.89
CA LEU A 464 14.30 0.24 19.38
C LEU A 464 13.49 0.47 20.63
N CYS A 465 13.81 1.57 21.31
CA CYS A 465 13.13 1.94 22.54
C CYS A 465 12.34 3.21 22.27
N PHE A 466 11.10 3.25 22.73
CA PHE A 466 10.26 4.43 22.55
C PHE A 466 10.27 5.25 23.82
N ILE A 467 11.27 6.11 23.95
CA ILE A 467 11.44 6.93 25.13
C ILE A 467 10.46 8.11 25.23
N PRO A 468 9.60 8.09 26.26
CA PRO A 468 8.60 9.11 26.53
C PRO A 468 9.18 10.51 26.72
N ILE A 469 8.45 11.50 26.25
CA ILE A 469 8.87 12.90 26.38
C ILE A 469 7.85 13.57 27.29
N HIS A 470 8.33 14.45 28.16
CA HIS A 470 7.43 15.15 29.08
C HIS A 470 8.23 16.17 29.86
N HIS A 471 7.73 17.40 29.91
CA HIS A 471 8.39 18.47 30.65
C HIS A 471 7.92 18.34 32.10
SM SM B . -0.22 -19.77 10.40
S SO4 C . -12.34 13.37 0.11
O1 SO4 C . -11.78 12.20 -0.60
O2 SO4 C . -11.57 14.57 -0.26
O3 SO4 C . -12.27 13.16 1.56
O4 SO4 C . -13.74 13.52 -0.29
S SO4 D . -23.96 8.30 14.76
O1 SO4 D . -24.40 6.96 15.21
O2 SO4 D . -24.29 8.44 13.31
O3 SO4 D . -22.51 8.42 14.95
O4 SO4 D . -24.67 9.34 15.51
S SO4 E . 13.67 25.61 -5.86
O1 SO4 E . 13.31 24.20 -6.07
O2 SO4 E . 14.54 26.05 -6.97
O3 SO4 E . 14.41 25.74 -4.60
O4 SO4 E . 12.45 26.45 -5.81
CHA HEM F . -3.50 -1.06 -4.93
CHB HEM F . 0.05 1.52 -2.95
CHC HEM F . -2.45 1.71 1.11
CHD HEM F . -6.06 -0.70 -0.92
C1A HEM F . -2.24 -0.39 -4.81
C2A HEM F . -1.22 -0.35 -5.76
C3A HEM F . -0.20 0.45 -5.19
C4A HEM F . -0.68 0.82 -3.93
CMA HEM F . 1.14 0.85 -5.80
CAA HEM F . -1.27 -1.05 -7.15
CBA HEM F . -0.72 -0.30 -8.36
CGA HEM F . -1.62 -0.33 -9.61
O1A HEM F . -2.27 -1.33 -9.89
O2A HEM F . -1.71 0.64 -10.35
C1B HEM F . -0.23 1.75 -1.58
C2B HEM F . 0.63 2.35 -0.64
C3B HEM F . -0.10 2.42 0.55
C4B HEM F . -1.36 1.85 0.23
CMB HEM F . 2.05 2.80 -0.96
CAB HEM F . 0.25 2.92 1.83
CBB HEM F . 1.50 2.96 2.54
C1C HEM F . -3.73 1.16 0.92
C2C HEM F . -4.71 1.08 1.92
C3C HEM F . -5.80 0.45 1.29
C4C HEM F . -5.40 0.18 -0.01
CMC HEM F . -4.54 1.60 3.36
CAC HEM F . -7.09 0.10 1.80
CBC HEM F . -8.03 0.89 2.58
C1D HEM F . -5.72 -0.97 -2.25
C2D HEM F . -6.53 -1.67 -3.15
C3D HEM F . -5.83 -1.67 -4.35
C4D HEM F . -4.62 -0.98 -4.10
CMD HEM F . -7.90 -2.29 -2.87
CAD HEM F . -6.26 -2.31 -5.70
CBD HEM F . -6.81 -1.21 -6.66
CGD HEM F . -7.30 -1.65 -8.06
O1D HEM F . -7.95 -0.87 -8.74
O2D HEM F . -7.03 -2.78 -8.47
NA HEM F . -1.89 0.32 -3.72
NB HEM F . -1.41 1.46 -1.04
NC HEM F . -4.13 0.63 -0.24
ND HEM F . -4.58 -0.57 -2.83
FE HEM F . -2.91 0.32 -1.90
#